data_7X8C
#
_entry.id   7X8C
#
_cell.length_a   42.929
_cell.length_b   66.763
_cell.length_c   87.768
_cell.angle_alpha   90.000
_cell.angle_beta   90.000
_cell.angle_gamma   90.000
#
_symmetry.space_group_name_H-M   'P 21 21 21'
#
loop_
_entity.id
_entity.type
_entity.pdbx_description
1 polymer 'KTSC domain-containing protein'
2 non-polymer 'SODIUM ION'
3 water water
#
_entity_poly.entity_id   1
_entity_poly.type   'polypeptide(L)'
_entity_poly.pdbx_seq_one_letter_code
;MNRENVRSSDLKSVGYDSENKILEVEFNSGGIYQYSTVPEEIYSKLMSSSSHGKYFHKMIRDKYPTKKVK
;
_entity_poly.pdbx_strand_id   A,B,C,D
#
# COMPACT_ATOMS: atom_id res chain seq x y z
N ASN A 2 -2.39 15.54 12.43
CA ASN A 2 -2.97 14.29 11.94
C ASN A 2 -2.63 13.14 12.88
N ARG A 3 -1.80 13.43 13.89
CA ARG A 3 -1.23 12.39 14.74
C ARG A 3 -1.94 12.35 16.09
N GLU A 4 -2.49 11.17 16.39
CA GLU A 4 -3.18 10.91 17.64
C GLU A 4 -2.13 10.52 18.66
N ASN A 5 -2.24 11.09 19.85
CA ASN A 5 -1.27 10.82 20.87
C ASN A 5 -1.36 9.37 21.38
N VAL A 6 -0.23 8.87 21.87
CA VAL A 6 -0.05 7.48 22.18
C VAL A 6 0.70 7.35 23.51
N ARG A 7 0.61 6.17 24.14
CA ARG A 7 1.58 5.87 25.20
C ARG A 7 2.41 4.64 24.86
N SER A 8 3.71 4.85 24.94
CA SER A 8 4.74 3.82 24.95
C SER A 8 5.91 4.54 25.60
N SER A 9 6.88 3.78 26.07
CA SER A 9 8.14 4.35 26.50
C SER A 9 8.92 4.86 25.29
N ASP A 10 8.46 4.42 24.11
CA ASP A 10 9.13 4.64 22.82
C ASP A 10 8.60 5.73 21.87
N LEU A 11 7.27 5.80 21.69
CA LEU A 11 6.69 6.70 20.69
C LEU A 11 5.59 7.62 21.25
N LYS A 12 5.55 8.86 20.76
CA LYS A 12 4.64 9.87 21.29
C LYS A 12 3.27 9.97 20.58
N SER A 13 3.31 10.05 19.25
CA SER A 13 2.10 10.24 18.44
C SER A 13 2.09 9.42 17.18
N VAL A 14 0.89 9.17 16.68
CA VAL A 14 0.79 8.33 15.48
C VAL A 14 -0.28 8.90 14.57
N GLY A 15 0.06 9.11 13.30
CA GLY A 15 -0.89 9.55 12.30
C GLY A 15 -0.96 8.56 11.16
N TYR A 16 -2.14 8.48 10.53
CA TYR A 16 -2.35 7.58 9.41
C TYR A 16 -3.07 8.30 8.28
N ASP A 17 -2.65 8.01 7.06
CA ASP A 17 -3.30 8.46 5.84
C ASP A 17 -3.81 7.20 5.15
N SER A 18 -5.06 6.82 5.46
CA SER A 18 -5.64 5.61 4.89
C SER A 18 -5.81 5.74 3.38
N GLU A 19 -5.98 6.97 2.89
CA GLU A 19 -6.13 7.19 1.46
C GLU A 19 -4.85 6.89 0.70
N ASN A 20 -3.70 7.03 1.35
CA ASN A 20 -2.41 6.82 0.69
C ASN A 20 -1.53 5.77 1.38
N LYS A 21 -2.02 5.12 2.43
CA LYS A 21 -1.34 3.99 3.06
C LYS A 21 -0.03 4.40 3.72
N ILE A 22 0.11 5.65 4.14
CA ILE A 22 1.30 6.11 4.84
C ILE A 22 1.01 6.22 6.33
N LEU A 23 1.78 5.48 7.11
CA LEU A 23 1.86 5.66 8.55
C LEU A 23 2.88 6.74 8.87
N GLU A 24 2.60 7.54 9.91
CA GLU A 24 3.54 8.51 10.42
C GLU A 24 3.64 8.35 11.93
N VAL A 25 4.85 8.15 12.44
CA VAL A 25 5.10 7.94 13.85
C VAL A 25 6.03 9.02 14.36
N GLU A 26 5.62 9.70 15.42
CA GLU A 26 6.52 10.55 16.20
C GLU A 26 7.04 9.74 17.38
N PHE A 27 8.33 9.86 17.63
CA PHE A 27 8.96 9.15 18.74
C PHE A 27 9.31 10.13 19.86
N ASN A 28 9.48 9.57 21.05
CA ASN A 28 9.74 10.41 22.22
C ASN A 28 11.09 11.10 22.13
N SER A 29 12.06 10.48 21.45
CA SER A 29 13.37 11.09 21.30
C SER A 29 13.29 12.40 20.52
N GLY A 30 12.33 12.52 19.61
CA GLY A 30 12.17 13.75 18.84
C GLY A 30 12.06 13.52 17.34
N GLY A 31 12.39 12.31 16.90
CA GLY A 31 12.37 12.01 15.48
C GLY A 31 10.99 11.60 15.00
N ILE A 32 10.68 11.96 13.76
CA ILE A 32 9.42 11.61 13.11
C ILE A 32 9.76 10.83 11.85
N TYR A 33 9.06 9.71 11.64
CA TYR A 33 9.39 8.80 10.57
C TYR A 33 8.12 8.36 9.84
N GLN A 34 8.22 8.22 8.53
CA GLN A 34 7.10 7.86 7.68
C GLN A 34 7.28 6.44 7.13
N TYR A 35 6.19 5.68 7.13
CA TYR A 35 6.21 4.29 6.74
C TYR A 35 5.22 4.08 5.61
N SER A 36 5.68 3.48 4.51
CA SER A 36 4.95 3.47 3.26
C SER A 36 4.34 2.10 2.99
N THR A 37 3.18 2.11 2.33
CA THR A 37 2.41 0.89 2.01
C THR A 37 2.07 0.10 3.27
N VAL A 38 1.70 0.80 4.33
CA VAL A 38 1.24 0.16 5.56
C VAL A 38 -0.25 -0.13 5.45
N PRO A 39 -0.67 -1.39 5.54
CA PRO A 39 -2.10 -1.70 5.48
C PRO A 39 -2.88 -1.12 6.66
N GLU A 40 -4.19 -1.02 6.45
CA GLU A 40 -5.05 -0.32 7.39
C GLU A 40 -5.06 -0.98 8.76
N GLU A 41 -5.21 -2.31 8.80
CA GLU A 41 -5.35 -2.99 10.08
C GLU A 41 -4.06 -2.97 10.88
N ILE A 42 -2.91 -2.87 10.22
CA ILE A 42 -1.66 -2.65 10.95
C ILE A 42 -1.76 -1.38 11.78
N TYR A 43 -2.26 -0.31 11.17
CA TYR A 43 -2.47 0.94 11.91
C TYR A 43 -3.52 0.76 12.99
N SER A 44 -4.61 0.03 12.69
CA SER A 44 -5.62 -0.27 13.70
C SER A 44 -5.02 -1.09 14.84
N LYS A 45 -4.37 -2.21 14.50
CA LYS A 45 -3.78 -3.06 15.53
C LYS A 45 -2.73 -2.30 16.34
N LEU A 46 -1.91 -1.48 15.67
CA LEU A 46 -0.95 -0.66 16.40
C LEU A 46 -1.65 0.27 17.38
N MET A 47 -2.81 0.80 17.00
CA MET A 47 -3.50 1.74 17.86
C MET A 47 -4.32 1.08 18.95
N SER A 48 -4.67 -0.20 18.79
CA SER A 48 -5.40 -0.93 19.81
C SER A 48 -4.53 -1.98 20.51
N SER A 49 -3.21 -1.88 20.37
CA SER A 49 -2.32 -2.75 21.12
C SER A 49 -2.24 -2.28 22.56
N SER A 50 -2.10 -3.25 23.48
CA SER A 50 -1.84 -2.90 24.87
C SER A 50 -0.51 -2.18 25.01
N SER A 51 0.51 -2.62 24.27
CA SER A 51 1.78 -1.92 24.14
C SER A 51 1.91 -1.43 22.71
N HIS A 52 2.10 -0.12 22.55
CA HIS A 52 2.29 0.42 21.22
C HIS A 52 3.73 0.23 20.74
N GLY A 53 4.70 0.36 21.64
CA GLY A 53 6.09 0.20 21.25
C GLY A 53 6.46 -1.22 20.89
N LYS A 54 5.86 -2.20 21.55
CA LYS A 54 6.17 -3.60 21.24
C LYS A 54 5.57 -4.01 19.89
N TYR A 55 4.37 -3.51 19.58
CA TYR A 55 3.78 -3.84 18.28
C TYR A 55 4.59 -3.24 17.14
N PHE A 56 5.16 -2.06 17.37
CA PHE A 56 5.90 -1.38 16.31
C PHE A 56 7.15 -2.15 15.93
N HIS A 57 7.98 -2.50 16.92
CA HIS A 57 9.22 -3.21 16.65
C HIS A 57 8.98 -4.63 16.15
N LYS A 58 7.80 -5.19 16.41
CA LYS A 58 7.48 -6.55 16.02
C LYS A 58 6.95 -6.62 14.59
N MET A 59 6.11 -5.66 14.20
CA MET A 59 5.34 -5.76 12.97
C MET A 59 5.58 -4.63 11.98
N ILE A 60 6.25 -3.55 12.37
CA ILE A 60 6.40 -2.40 11.49
C ILE A 60 7.86 -2.09 11.18
N ARG A 61 8.67 -1.90 12.22
CA ARG A 61 10.04 -1.42 12.00
C ARG A 61 10.83 -2.41 11.15
N ASP A 62 11.53 -1.88 10.15
CA ASP A 62 12.38 -2.57 9.19
C ASP A 62 11.58 -3.27 8.10
N LYS A 63 10.26 -3.44 8.25
CA LYS A 63 9.48 -4.24 7.33
C LYS A 63 8.69 -3.42 6.32
N TYR A 64 8.67 -2.10 6.46
CA TYR A 64 8.06 -1.22 5.47
C TYR A 64 9.06 -0.16 5.04
N PRO A 65 8.94 0.37 3.83
CA PRO A 65 9.80 1.49 3.44
C PRO A 65 9.68 2.64 4.42
N THR A 66 10.83 3.18 4.83
CA THR A 66 10.89 4.16 5.90
C THR A 66 11.65 5.39 5.43
N LYS A 67 11.09 6.57 5.70
CA LYS A 67 11.75 7.84 5.44
C LYS A 67 11.68 8.71 6.69
N LYS A 68 12.72 9.50 6.90
CA LYS A 68 12.79 10.42 8.04
C LYS A 68 12.17 11.76 7.65
N VAL A 69 11.51 12.40 8.61
CA VAL A 69 10.85 13.68 8.37
C VAL A 69 11.33 14.71 9.39
N LYS A 70 11.54 14.27 10.63
CA LYS A 70 12.29 15.07 11.60
C LYS A 70 13.22 14.16 12.39
N MET B 1 -29.94 11.76 5.92
CA MET B 1 -29.76 10.51 6.66
C MET B 1 -28.41 9.89 6.33
N ASN B 2 -27.54 9.79 7.34
CA ASN B 2 -26.22 9.20 7.12
C ASN B 2 -26.33 7.72 6.78
N ARG B 3 -27.02 6.94 7.62
CA ARG B 3 -27.10 5.51 7.43
C ARG B 3 -28.51 5.01 7.75
N GLU B 4 -29.07 4.22 6.85
CA GLU B 4 -30.41 3.65 7.03
C GLU B 4 -30.31 2.37 7.84
N ASN B 5 -31.16 2.24 8.86
CA ASN B 5 -31.05 1.12 9.78
C ASN B 5 -31.54 -0.17 9.15
N VAL B 6 -31.08 -1.28 9.71
CA VAL B 6 -31.20 -2.60 9.11
C VAL B 6 -31.44 -3.62 10.22
N ARG B 7 -32.39 -4.52 9.99
CA ARG B 7 -32.64 -5.63 10.92
C ARG B 7 -31.76 -6.80 10.53
N SER B 8 -30.79 -7.13 11.39
CA SER B 8 -29.90 -8.25 11.15
C SER B 8 -29.25 -8.65 12.47
N SER B 9 -28.92 -9.93 12.58
CA SER B 9 -28.17 -10.41 13.72
C SER B 9 -26.74 -9.88 13.72
N ASP B 10 -26.32 -9.16 12.68
CA ASP B 10 -24.93 -8.74 12.55
C ASP B 10 -24.83 -7.25 12.24
N LEU B 11 -25.61 -6.77 11.27
CA LEU B 11 -25.51 -5.40 10.79
C LEU B 11 -26.57 -4.52 11.46
N LYS B 12 -26.20 -3.27 11.75
CA LYS B 12 -27.14 -2.30 12.30
C LYS B 12 -27.66 -1.32 11.24
N SER B 13 -26.77 -0.53 10.65
CA SER B 13 -27.17 0.49 9.69
C SER B 13 -26.21 0.47 8.51
N VAL B 14 -26.72 0.83 7.33
CA VAL B 14 -25.92 0.87 6.10
C VAL B 14 -26.17 2.20 5.40
N GLY B 15 -25.09 2.81 4.92
CA GLY B 15 -25.20 4.01 4.12
C GLY B 15 -24.23 3.95 2.96
N TYR B 16 -24.59 4.66 1.88
CA TYR B 16 -23.82 4.61 0.65
C TYR B 16 -23.61 6.02 0.09
N ASP B 17 -22.46 6.20 -0.55
CA ASP B 17 -22.09 7.45 -1.21
C ASP B 17 -22.01 7.18 -2.70
N SER B 18 -22.97 7.71 -3.45
CA SER B 18 -23.02 7.44 -4.89
C SER B 18 -21.81 8.01 -5.62
N GLU B 19 -21.14 9.01 -5.05
CA GLU B 19 -20.09 9.68 -5.80
C GLU B 19 -18.72 9.04 -5.60
N ASN B 20 -18.30 8.84 -4.36
CA ASN B 20 -16.98 8.32 -4.07
C ASN B 20 -16.97 6.81 -3.87
N LYS B 21 -18.11 6.16 -4.07
CA LYS B 21 -18.22 4.70 -4.07
C LYS B 21 -17.83 4.11 -2.73
N ILE B 22 -18.14 4.83 -1.65
CA ILE B 22 -17.84 4.39 -0.30
C ILE B 22 -19.12 3.91 0.34
N LEU B 23 -19.12 2.66 0.79
CA LEU B 23 -20.17 2.10 1.61
C LEU B 23 -19.77 2.25 3.07
N GLU B 24 -20.74 2.57 3.92
CA GLU B 24 -20.51 2.69 5.35
C GLU B 24 -21.47 1.74 6.08
N VAL B 25 -20.90 0.81 6.84
CA VAL B 25 -21.67 -0.20 7.57
C VAL B 25 -21.41 -0.01 9.05
N GLU B 26 -22.49 0.03 9.84
CA GLU B 26 -22.39 -0.02 11.29
C GLU B 26 -22.94 -1.35 11.79
N PHE B 27 -22.33 -1.88 12.83
CA PHE B 27 -22.69 -3.19 13.38
C PHE B 27 -23.32 -3.02 14.75
N ASN B 28 -24.15 -4.00 15.11
CA ASN B 28 -24.82 -4.00 16.41
C ASN B 28 -23.82 -4.00 17.55
N SER B 29 -22.59 -4.45 17.30
CA SER B 29 -21.54 -4.44 18.31
C SER B 29 -20.89 -3.07 18.47
N GLY B 30 -21.07 -2.18 17.49
CA GLY B 30 -20.61 -0.81 17.60
C GLY B 30 -19.63 -0.35 16.53
N GLY B 31 -19.05 -1.27 15.75
CA GLY B 31 -18.04 -0.87 14.78
C GLY B 31 -18.63 -0.25 13.53
N ILE B 32 -17.90 0.74 13.00
CA ILE B 32 -18.28 1.42 11.77
C ILE B 32 -17.10 1.36 10.80
N TYR B 33 -17.38 0.96 9.56
CA TYR B 33 -16.34 0.76 8.56
C TYR B 33 -16.79 1.32 7.23
N GLN B 34 -15.85 1.93 6.51
CA GLN B 34 -16.10 2.41 5.16
C GLN B 34 -15.46 1.48 4.14
N TYR B 35 -16.14 1.30 3.01
CA TYR B 35 -15.75 0.33 2.00
C TYR B 35 -15.62 1.02 0.65
N SER B 36 -14.41 1.04 0.10
CA SER B 36 -14.11 1.83 -1.07
C SER B 36 -14.33 1.02 -2.36
N THR B 37 -14.52 1.76 -3.46
CA THR B 37 -14.73 1.19 -4.79
C THR B 37 -15.90 0.19 -4.79
N VAL B 38 -16.93 0.52 -4.02
CA VAL B 38 -18.13 -0.32 -3.93
C VAL B 38 -19.09 0.14 -5.03
N PRO B 39 -19.48 -0.74 -5.95
CA PRO B 39 -20.44 -0.34 -6.99
C PRO B 39 -21.84 -0.17 -6.43
N GLU B 40 -22.61 0.67 -7.13
CA GLU B 40 -23.97 0.99 -6.68
C GLU B 40 -24.82 -0.26 -6.53
N GLU B 41 -24.76 -1.17 -7.52
CA GLU B 41 -25.54 -2.39 -7.49
C GLU B 41 -25.22 -3.23 -6.26
N ILE B 42 -23.94 -3.27 -5.87
CA ILE B 42 -23.54 -4.06 -4.70
C ILE B 42 -24.21 -3.52 -3.45
N TYR B 43 -24.31 -2.19 -3.33
CA TYR B 43 -25.07 -1.60 -2.23
C TYR B 43 -26.55 -1.93 -2.35
N SER B 44 -27.06 -2.09 -3.57
CA SER B 44 -28.47 -2.41 -3.75
C SER B 44 -28.78 -3.84 -3.32
N LYS B 45 -27.98 -4.80 -3.78
CA LYS B 45 -28.20 -6.19 -3.39
C LYS B 45 -28.09 -6.37 -1.88
N LEU B 46 -27.18 -5.61 -1.24
CA LEU B 46 -27.03 -5.71 0.21
C LEU B 46 -28.30 -5.29 0.93
N MET B 47 -28.94 -4.20 0.47
CA MET B 47 -30.14 -3.73 1.14
C MET B 47 -31.35 -4.59 0.79
N SER B 48 -31.39 -5.16 -0.41
CA SER B 48 -32.52 -5.99 -0.82
C SER B 48 -32.43 -7.42 -0.30
N SER B 49 -31.25 -7.85 0.15
CA SER B 49 -31.03 -9.24 0.53
C SER B 49 -31.85 -9.63 1.74
N SER B 50 -32.17 -10.92 1.84
CA SER B 50 -32.93 -11.47 2.96
C SER B 50 -32.04 -11.76 4.17
N SER B 51 -30.72 -11.77 4.00
CA SER B 51 -29.79 -11.82 5.13
C SER B 51 -28.67 -10.85 4.80
N HIS B 52 -28.78 -9.62 5.32
CA HIS B 52 -27.72 -8.64 5.17
C HIS B 52 -26.38 -9.21 5.63
N GLY B 53 -26.39 -9.95 6.75
CA GLY B 53 -25.17 -10.59 7.20
C GLY B 53 -24.61 -11.55 6.18
N LYS B 54 -25.46 -12.39 5.61
CA LYS B 54 -24.99 -13.40 4.66
C LYS B 54 -24.50 -12.75 3.37
N TYR B 55 -25.19 -11.72 2.89
CA TYR B 55 -24.71 -11.04 1.69
C TYR B 55 -23.41 -10.30 1.97
N PHE B 56 -23.32 -9.63 3.11
CA PHE B 56 -22.10 -8.92 3.49
C PHE B 56 -20.91 -9.87 3.51
N HIS B 57 -21.07 -11.00 4.18
CA HIS B 57 -20.02 -12.01 4.29
C HIS B 57 -19.58 -12.46 2.89
N LYS B 58 -20.53 -12.83 2.04
CA LYS B 58 -20.21 -13.40 0.72
C LYS B 58 -19.71 -12.41 -0.31
N MET B 59 -20.22 -11.19 -0.26
CA MET B 59 -20.01 -10.28 -1.38
C MET B 59 -19.38 -8.94 -1.02
N ILE B 60 -19.11 -8.66 0.25
CA ILE B 60 -18.43 -7.41 0.59
C ILE B 60 -17.16 -7.67 1.38
N ARG B 61 -17.30 -8.31 2.55
CA ARG B 61 -16.22 -8.33 3.52
C ARG B 61 -14.94 -8.93 2.94
N ASP B 62 -13.81 -8.32 3.28
CA ASP B 62 -12.47 -8.71 2.87
C ASP B 62 -12.29 -8.70 1.37
N LYS B 63 -13.20 -8.07 0.62
CA LYS B 63 -13.11 -7.97 -0.83
C LYS B 63 -12.85 -6.56 -1.33
N TYR B 64 -13.32 -5.54 -0.62
CA TYR B 64 -13.02 -4.16 -0.95
C TYR B 64 -12.11 -3.55 0.11
N PRO B 65 -11.39 -2.47 -0.20
CA PRO B 65 -10.54 -1.82 0.80
C PRO B 65 -11.36 -1.33 1.99
N THR B 66 -10.95 -1.76 3.18
CA THR B 66 -11.70 -1.51 4.41
C THR B 66 -10.96 -0.52 5.30
N LYS B 67 -11.72 0.40 5.90
CA LYS B 67 -11.21 1.40 6.82
C LYS B 67 -12.13 1.46 8.02
N LYS B 68 -11.55 1.42 9.23
CA LYS B 68 -12.34 1.53 10.44
C LYS B 68 -12.56 2.99 10.79
N VAL B 69 -13.83 3.41 10.85
CA VAL B 69 -14.16 4.76 11.26
C VAL B 69 -14.59 4.81 12.73
N LYS B 70 -14.98 3.68 13.30
CA LYS B 70 -15.22 3.58 14.74
C LYS B 70 -14.91 2.16 15.22
N MET C 1 14.61 -7.73 -16.98
CA MET C 1 15.63 -6.76 -16.59
C MET C 1 16.18 -7.07 -15.20
N ASN C 2 17.51 -7.17 -15.11
CA ASN C 2 18.21 -7.28 -13.84
C ASN C 2 19.04 -6.01 -13.63
N ARG C 3 19.66 -5.93 -12.46
CA ARG C 3 20.49 -4.77 -12.15
C ARG C 3 21.69 -4.69 -13.09
N GLU C 4 22.14 -3.46 -13.33
CA GLU C 4 23.35 -3.19 -14.09
C GLU C 4 24.51 -3.06 -13.12
N ASN C 5 25.64 -3.67 -13.44
CA ASN C 5 26.81 -3.50 -12.60
C ASN C 5 27.33 -2.07 -12.68
N VAL C 6 28.21 -1.71 -11.74
CA VAL C 6 28.55 -0.31 -11.51
C VAL C 6 29.98 -0.20 -11.00
N ARG C 7 30.65 0.90 -11.38
CA ARG C 7 31.98 1.25 -10.88
C ARG C 7 31.82 2.27 -9.76
N SER C 8 31.83 1.81 -8.51
CA SER C 8 31.84 2.73 -7.38
C SER C 8 32.48 2.06 -6.18
N SER C 9 33.06 2.88 -5.31
CA SER C 9 33.62 2.38 -4.06
C SER C 9 32.55 2.03 -3.04
N ASP C 10 31.27 2.23 -3.34
CA ASP C 10 30.26 2.00 -2.31
C ASP C 10 29.12 1.10 -2.78
N LEU C 11 28.72 1.21 -4.04
CA LEU C 11 27.64 0.39 -4.59
C LEU C 11 28.15 -0.37 -5.82
N LYS C 12 27.44 -1.45 -6.15
CA LYS C 12 27.91 -2.40 -7.16
C LYS C 12 26.91 -2.74 -8.25
N SER C 13 25.60 -2.59 -8.01
CA SER C 13 24.63 -2.74 -9.08
C SER C 13 23.40 -1.91 -8.75
N VAL C 14 22.74 -1.42 -9.79
CA VAL C 14 21.59 -0.53 -9.67
C VAL C 14 20.56 -0.90 -10.73
N GLY C 15 19.33 -1.13 -10.30
CA GLY C 15 18.23 -1.37 -11.22
C GLY C 15 17.07 -0.44 -10.93
N TYR C 16 16.33 -0.09 -11.97
CA TYR C 16 15.20 0.82 -11.86
C TYR C 16 14.03 0.29 -12.64
N ASP C 17 12.83 0.77 -12.29
CA ASP C 17 11.58 0.38 -12.93
C ASP C 17 10.78 1.66 -13.14
N SER C 18 10.88 2.23 -14.35
CA SER C 18 10.32 3.55 -14.64
C SER C 18 8.88 3.68 -14.18
N GLU C 19 8.06 2.66 -14.42
CA GLU C 19 6.64 2.76 -14.12
C GLU C 19 6.37 2.72 -12.62
N ASN C 20 7.06 1.83 -11.89
CA ASN C 20 6.72 1.60 -10.49
C ASN C 20 7.24 2.71 -9.60
N LYS C 21 8.39 3.30 -9.96
CA LYS C 21 9.18 4.25 -9.17
C LYS C 21 10.03 3.51 -8.14
N ILE C 22 10.42 2.27 -8.44
CA ILE C 22 11.25 1.49 -7.53
C ILE C 22 12.69 1.58 -8.01
N LEU C 23 13.54 2.18 -7.20
CA LEU C 23 14.97 2.02 -7.37
C LEU C 23 15.42 0.79 -6.59
N GLU C 24 16.44 0.11 -7.11
CA GLU C 24 17.14 -0.90 -6.34
C GLU C 24 18.65 -0.72 -6.46
N VAL C 25 19.30 -0.67 -5.30
CA VAL C 25 20.73 -0.46 -5.19
C VAL C 25 21.31 -1.65 -4.43
N GLU C 26 22.36 -2.25 -4.99
CA GLU C 26 23.10 -3.30 -4.30
C GLU C 26 24.48 -2.76 -3.95
N PHE C 27 24.87 -2.85 -2.69
CA PHE C 27 26.05 -2.14 -2.21
C PHE C 27 27.31 -3.01 -2.22
N ASN C 28 28.44 -2.30 -2.09
CA ASN C 28 29.73 -2.97 -1.87
C ASN C 28 29.87 -3.46 -0.45
N SER C 29 28.84 -3.24 0.37
CA SER C 29 28.78 -3.90 1.66
C SER C 29 28.07 -5.26 1.55
N GLY C 30 27.05 -5.33 0.71
CA GLY C 30 26.32 -6.56 0.47
C GLY C 30 24.84 -6.45 0.70
N GLY C 31 24.35 -5.33 1.23
CA GLY C 31 22.92 -5.14 1.33
C GLY C 31 22.32 -4.71 0.01
N ILE C 32 21.01 -4.92 -0.11
CA ILE C 32 20.23 -4.41 -1.23
C ILE C 32 19.13 -3.54 -0.65
N TYR C 33 19.12 -2.27 -1.00
CA TYR C 33 18.13 -1.33 -0.51
C TYR C 33 17.26 -0.86 -1.66
N GLN C 34 15.98 -0.75 -1.38
CA GLN C 34 14.96 -0.41 -2.37
C GLN C 34 14.34 0.92 -2.03
N TYR C 35 14.31 1.83 -3.00
CA TYR C 35 13.86 3.20 -2.78
C TYR C 35 12.61 3.47 -3.58
N SER C 36 11.59 4.01 -2.92
CA SER C 36 10.28 4.23 -3.52
C SER C 36 10.14 5.67 -3.97
N THR C 37 9.23 5.91 -4.91
CA THR C 37 8.86 7.26 -5.37
C THR C 37 10.07 8.02 -5.89
N VAL C 38 10.97 7.33 -6.57
CA VAL C 38 12.17 7.94 -7.15
C VAL C 38 11.84 8.30 -8.59
N PRO C 39 11.84 9.58 -8.97
CA PRO C 39 11.48 9.93 -10.35
C PRO C 39 12.50 9.38 -11.34
N GLU C 40 12.00 9.13 -12.56
CA GLU C 40 12.82 8.55 -13.62
C GLU C 40 14.13 9.29 -13.77
N GLU C 41 14.09 10.62 -13.63
CA GLU C 41 15.26 11.43 -13.94
C GLU C 41 16.31 11.42 -12.85
N ILE C 42 15.92 11.12 -11.61
CA ILE C 42 16.93 10.94 -10.58
C ILE C 42 17.74 9.68 -10.84
N TYR C 43 17.08 8.63 -11.33
CA TYR C 43 17.78 7.40 -11.67
C TYR C 43 18.77 7.61 -12.80
N SER C 44 18.44 8.49 -13.76
CA SER C 44 19.32 8.72 -14.90
C SER C 44 20.57 9.50 -14.48
N LYS C 45 20.38 10.59 -13.73
CA LYS C 45 21.53 11.34 -13.25
C LYS C 45 22.45 10.46 -12.41
N LEU C 46 21.88 9.42 -11.79
CA LEU C 46 22.70 8.48 -11.02
C LEU C 46 23.56 7.62 -11.93
N MET C 47 22.93 6.97 -12.92
CA MET C 47 23.70 6.15 -13.86
C MET C 47 24.63 6.97 -14.74
N SER C 48 24.32 8.25 -14.93
CA SER C 48 25.15 9.13 -15.75
C SER C 48 26.26 9.81 -14.96
N SER C 49 26.25 9.67 -13.63
CA SER C 49 27.11 10.50 -12.79
C SER C 49 28.57 10.08 -12.88
N SER C 50 29.45 11.08 -12.78
CA SER C 50 30.88 10.81 -12.72
C SER C 50 31.23 9.93 -11.53
N SER C 51 30.56 10.16 -10.40
CA SER C 51 30.68 9.33 -9.21
C SER C 51 29.27 8.90 -8.81
N HIS C 52 28.97 7.62 -9.00
CA HIS C 52 27.68 7.10 -8.57
C HIS C 52 27.50 7.26 -7.06
N GLY C 53 28.56 6.96 -6.31
CA GLY C 53 28.46 7.01 -4.85
C GLY C 53 28.22 8.42 -4.32
N LYS C 54 29.02 9.38 -4.78
CA LYS C 54 28.84 10.76 -4.34
C LYS C 54 27.45 11.27 -4.69
N TYR C 55 26.90 10.85 -5.82
CA TYR C 55 25.55 11.28 -6.17
C TYR C 55 24.50 10.60 -5.30
N PHE C 56 24.60 9.28 -5.15
CA PHE C 56 23.61 8.53 -4.39
C PHE C 56 23.54 9.03 -2.95
N HIS C 57 24.70 9.25 -2.32
CA HIS C 57 24.73 9.69 -0.93
C HIS C 57 24.19 11.10 -0.76
N LYS C 58 24.41 11.96 -1.76
CA LYS C 58 23.96 13.34 -1.66
C LYS C 58 22.49 13.50 -1.98
N MET C 59 21.95 12.69 -2.89
CA MET C 59 20.64 12.96 -3.48
C MET C 59 19.60 11.87 -3.27
N ILE C 60 19.98 10.61 -3.12
CA ILE C 60 19.02 9.51 -3.06
C ILE C 60 18.87 8.98 -1.65
N ARG C 61 19.98 8.65 -0.99
CA ARG C 61 19.93 8.21 0.39
C ARG C 61 19.32 9.29 1.28
N ASP C 62 18.45 8.86 2.20
CA ASP C 62 17.81 9.76 3.16
C ASP C 62 16.97 10.84 2.47
N LYS C 63 16.40 10.50 1.31
CA LYS C 63 15.51 11.40 0.59
C LYS C 63 14.34 10.69 -0.07
N TYR C 64 14.31 9.36 -0.08
CA TYR C 64 13.19 8.56 -0.55
C TYR C 64 12.96 7.42 0.42
N PRO C 65 11.71 7.00 0.60
CA PRO C 65 11.43 5.85 1.48
C PRO C 65 12.27 4.65 1.11
N THR C 66 12.87 4.02 2.13
CA THR C 66 13.84 2.96 1.91
C THR C 66 13.44 1.71 2.68
N LYS C 67 13.79 0.56 2.12
CA LYS C 67 13.43 -0.75 2.65
C LYS C 67 14.54 -1.72 2.30
N LYS C 68 15.01 -2.48 3.27
CA LYS C 68 16.07 -3.46 3.02
C LYS C 68 15.45 -4.75 2.48
N VAL C 69 16.04 -5.27 1.42
CA VAL C 69 15.47 -6.39 0.69
C VAL C 69 16.39 -7.61 0.68
N LYS C 70 17.69 -7.44 0.93
CA LYS C 70 18.62 -8.54 1.08
C LYS C 70 19.81 -8.08 1.93
N ASN D 2 -3.64 -17.70 -16.06
CA ASN D 2 -3.07 -17.21 -14.81
C ASN D 2 -2.11 -16.05 -15.05
N ARG D 3 -2.27 -15.42 -16.21
CA ARG D 3 -1.89 -14.03 -16.45
C ARG D 3 -2.45 -13.72 -17.83
N GLU D 4 -2.40 -12.45 -18.24
CA GLU D 4 -3.19 -12.06 -19.40
C GLU D 4 -2.82 -10.66 -19.88
N ASN D 5 -2.42 -10.54 -21.16
CA ASN D 5 -1.93 -9.29 -21.70
C ASN D 5 -3.07 -8.53 -22.37
N VAL D 6 -3.72 -7.67 -21.58
CA VAL D 6 -4.53 -6.59 -22.13
C VAL D 6 -3.66 -5.39 -22.48
N ARG D 7 -2.37 -5.43 -22.16
CA ARG D 7 -1.49 -4.27 -22.18
C ARG D 7 -2.16 -3.21 -21.31
N SER D 8 -2.22 -1.95 -21.74
CA SER D 8 -2.85 -0.81 -21.07
C SER D 8 -2.27 0.46 -21.65
N SER D 9 -2.30 1.55 -20.87
CA SER D 9 -1.53 2.72 -21.25
C SER D 9 -0.07 2.35 -21.42
N ASP D 10 0.47 1.56 -20.48
CA ASP D 10 1.74 0.87 -20.71
C ASP D 10 1.95 -0.29 -19.74
N LEU D 11 1.00 -1.22 -19.72
CA LEU D 11 1.14 -2.47 -18.98
C LEU D 11 1.50 -3.59 -19.95
N LYS D 12 1.90 -4.72 -19.38
CA LYS D 12 2.14 -5.93 -20.17
C LYS D 12 1.18 -7.04 -19.74
N SER D 13 1.34 -7.60 -18.55
CA SER D 13 0.55 -8.75 -18.14
C SER D 13 0.20 -8.63 -16.65
N VAL D 14 -0.93 -9.21 -16.27
CA VAL D 14 -1.51 -9.02 -14.94
C VAL D 14 -2.08 -10.34 -14.42
N GLY D 15 -1.67 -10.75 -13.22
CA GLY D 15 -2.21 -11.93 -12.58
C GLY D 15 -2.38 -11.70 -11.09
N TYR D 16 -3.19 -12.56 -10.46
CA TYR D 16 -3.59 -12.34 -9.08
C TYR D 16 -3.80 -13.68 -8.38
N ASP D 17 -3.79 -13.62 -7.04
CA ASP D 17 -4.02 -14.77 -6.17
C ASP D 17 -5.06 -14.38 -5.14
N SER D 18 -6.34 -14.62 -5.46
CA SER D 18 -7.42 -14.34 -4.51
C SER D 18 -7.21 -15.11 -3.21
N GLU D 19 -6.63 -16.30 -3.30
CA GLU D 19 -6.46 -17.17 -2.16
C GLU D 19 -5.38 -16.66 -1.20
N ASN D 20 -4.46 -15.84 -1.69
CA ASN D 20 -3.41 -15.25 -0.88
C ASN D 20 -3.55 -13.73 -0.78
N LYS D 21 -4.35 -13.11 -1.65
CA LYS D 21 -4.64 -11.67 -1.64
C LYS D 21 -3.39 -10.88 -2.08
N ILE D 22 -2.75 -11.36 -3.14
CA ILE D 22 -1.55 -10.74 -3.68
C ILE D 22 -1.69 -10.59 -5.19
N LEU D 23 -1.29 -9.42 -5.70
CA LEU D 23 -1.38 -9.12 -7.13
C LEU D 23 -0.01 -9.25 -7.77
N GLU D 24 0.00 -9.70 -9.03
CA GLU D 24 1.22 -9.79 -9.83
C GLU D 24 1.02 -9.01 -11.10
N VAL D 25 2.03 -8.23 -11.48
CA VAL D 25 1.90 -7.32 -12.61
C VAL D 25 3.23 -7.23 -13.33
N GLU D 26 3.21 -7.43 -14.65
CA GLU D 26 4.38 -7.34 -15.49
C GLU D 26 4.36 -6.04 -16.27
N PHE D 27 5.53 -5.45 -16.47
CA PHE D 27 5.65 -4.18 -17.17
C PHE D 27 6.43 -4.35 -18.47
N ASN D 28 6.28 -3.35 -19.34
CA ASN D 28 6.89 -3.43 -20.66
C ASN D 28 8.41 -3.39 -20.59
N SER D 29 8.97 -2.78 -19.55
CA SER D 29 10.42 -2.78 -19.38
C SER D 29 10.96 -4.13 -18.93
N GLY D 30 10.10 -5.16 -18.81
CA GLY D 30 10.52 -6.50 -18.48
C GLY D 30 10.25 -6.92 -17.05
N GLY D 31 10.02 -5.97 -16.15
CA GLY D 31 9.90 -6.29 -14.74
C GLY D 31 8.56 -6.90 -14.37
N ILE D 32 8.56 -7.63 -13.26
CA ILE D 32 7.37 -8.27 -12.71
C ILE D 32 7.37 -8.05 -11.21
N TYR D 33 6.31 -7.44 -10.69
CA TYR D 33 6.25 -7.03 -9.29
C TYR D 33 5.06 -7.66 -8.58
N GLN D 34 5.25 -7.94 -7.29
CA GLN D 34 4.21 -8.50 -6.44
C GLN D 34 3.67 -7.44 -5.50
N TYR D 35 2.36 -7.51 -5.23
CA TYR D 35 1.67 -6.58 -4.36
C TYR D 35 0.84 -7.38 -3.37
N SER D 36 1.03 -7.12 -2.08
CA SER D 36 0.42 -7.94 -1.04
C SER D 36 -0.81 -7.25 -0.44
N THR D 37 -1.67 -8.06 0.18
CA THR D 37 -2.95 -7.65 0.74
C THR D 37 -3.72 -6.75 -0.21
N VAL D 38 -3.84 -7.19 -1.47
CA VAL D 38 -4.65 -6.51 -2.46
C VAL D 38 -6.02 -7.16 -2.49
N PRO D 39 -7.08 -6.46 -2.02
CA PRO D 39 -8.40 -7.07 -1.99
C PRO D 39 -8.89 -7.45 -3.38
N GLU D 40 -9.83 -8.40 -3.41
CA GLU D 40 -10.33 -8.97 -4.65
C GLU D 40 -10.74 -7.88 -5.65
N GLU D 41 -11.69 -7.03 -5.25
CA GLU D 41 -12.32 -6.13 -6.21
C GLU D 41 -11.37 -5.05 -6.73
N ILE D 42 -10.31 -4.74 -5.99
CA ILE D 42 -9.25 -3.89 -6.56
C ILE D 42 -8.66 -4.56 -7.79
N TYR D 43 -8.47 -5.88 -7.73
CA TYR D 43 -7.97 -6.64 -8.87
C TYR D 43 -9.02 -6.69 -9.98
N SER D 44 -10.30 -6.81 -9.62
CA SER D 44 -11.33 -6.90 -10.64
C SER D 44 -11.52 -5.57 -11.37
N LYS D 45 -11.94 -4.52 -10.66
CA LYS D 45 -12.15 -3.25 -11.36
C LYS D 45 -10.84 -2.59 -11.79
N LEU D 46 -9.70 -3.23 -11.55
CA LEU D 46 -8.52 -2.94 -12.36
C LEU D 46 -8.76 -3.37 -13.80
N MET D 47 -9.33 -4.56 -13.97
CA MET D 47 -9.43 -5.17 -15.29
C MET D 47 -10.67 -4.72 -16.05
N SER D 48 -11.71 -4.28 -15.35
CA SER D 48 -12.86 -3.68 -16.03
C SER D 48 -12.61 -2.22 -16.36
N SER D 49 -11.49 -1.66 -15.93
CA SER D 49 -11.20 -0.25 -16.15
C SER D 49 -10.87 0.01 -17.62
N SER D 50 -10.92 1.30 -17.98
CA SER D 50 -10.59 1.74 -19.33
C SER D 50 -9.12 1.46 -19.63
N SER D 51 -8.23 2.22 -18.99
CA SER D 51 -6.80 2.02 -19.12
C SER D 51 -6.26 1.52 -17.78
N HIS D 52 -5.72 0.31 -17.78
CA HIS D 52 -5.39 -0.36 -16.53
C HIS D 52 -4.10 0.17 -15.90
N GLY D 53 -3.20 0.72 -16.71
CA GLY D 53 -2.06 1.42 -16.14
C GLY D 53 -2.49 2.63 -15.34
N LYS D 54 -3.37 3.45 -15.93
CA LYS D 54 -3.94 4.60 -15.23
C LYS D 54 -4.48 4.19 -13.87
N TYR D 55 -5.27 3.12 -13.83
CA TYR D 55 -5.74 2.58 -12.55
C TYR D 55 -4.57 2.18 -11.67
N PHE D 56 -3.66 1.35 -12.20
CA PHE D 56 -2.46 0.94 -11.48
C PHE D 56 -1.76 2.13 -10.86
N HIS D 57 -1.48 3.15 -11.68
CA HIS D 57 -0.73 4.32 -11.22
C HIS D 57 -1.54 5.22 -10.29
N LYS D 58 -2.86 5.10 -10.32
CA LYS D 58 -3.71 5.88 -9.42
C LYS D 58 -4.08 5.13 -8.16
N MET D 59 -4.24 3.80 -8.24
CA MET D 59 -4.89 3.04 -7.18
C MET D 59 -4.11 1.85 -6.66
N ILE D 60 -2.88 1.61 -7.13
CA ILE D 60 -2.14 0.44 -6.70
C ILE D 60 -0.70 0.83 -6.39
N ARG D 61 -0.04 1.52 -7.32
CA ARG D 61 1.31 2.01 -7.08
C ARG D 61 1.38 2.81 -5.79
N ASP D 62 2.41 2.53 -4.99
CA ASP D 62 2.68 3.20 -3.73
C ASP D 62 1.61 2.95 -2.67
N LYS D 63 0.87 1.85 -2.76
CA LYS D 63 -0.20 1.60 -1.80
C LYS D 63 -0.23 0.18 -1.23
N TYR D 64 0.49 -0.77 -1.80
CA TYR D 64 0.53 -2.11 -1.25
C TYR D 64 1.98 -2.56 -1.13
N PRO D 65 2.28 -3.46 -0.16
CA PRO D 65 3.66 -3.96 -0.01
C PRO D 65 4.24 -4.48 -1.32
N THR D 66 5.18 -3.74 -1.89
CA THR D 66 5.68 -3.98 -3.23
C THR D 66 7.01 -4.71 -3.17
N LYS D 67 7.10 -5.84 -3.88
CA LYS D 67 8.22 -6.78 -3.73
C LYS D 67 8.62 -7.32 -5.10
N LYS D 68 9.87 -7.05 -5.49
CA LYS D 68 10.40 -7.51 -6.78
C LYS D 68 10.43 -9.04 -6.85
N VAL D 69 9.93 -9.60 -7.95
CA VAL D 69 9.98 -11.02 -8.20
C VAL D 69 10.86 -11.36 -9.39
N LYS D 70 10.79 -10.56 -10.45
CA LYS D 70 11.69 -10.69 -11.59
C LYS D 70 11.71 -9.38 -12.36
#